data_2ZNL
#
_entry.id   2ZNL
#
_cell.length_a   101.957
_cell.length_b   101.957
_cell.length_c   115.023
_cell.angle_alpha   90.00
_cell.angle_beta   90.00
_cell.angle_gamma   120.00
#
_symmetry.space_group_name_H-M   'P 32 2 1'
#
loop_
_entity.id
_entity.type
_entity.pdbx_description
1 polymer 'Polymerase acidic protein'
2 polymer 'RNA-directed RNA polymerase catalytic subunit'
3 water water
#
loop_
_entity_poly.entity_id
_entity_poly.type
_entity_poly.pdbx_seq_one_letter_code
_entity_poly.pdbx_strand_id
1 'polypeptide(L)'
;NGYIEGKLSQMSKEVNARIEPFLKTTPRPLRLPNGPPCSQRSKFLLMDALKLSIEDPSHEGEGIPLYDAIKCMRTFFGWK
EPNVVKPHEKGINPNYLLSWKQVLAELQDIENEEKIPKTKNMKKTSQLKWALGENMAPEKVDFDDCKDVGDLKQYDSDEP
ELRSLASWIQNEFNKACELTDSSWIELDEIGEDVAPIEHIASMRRNYFTSEVSHCRATEYIMKGVYINTALLNASCAAMD
DFQLIPMISKCRTKEGRRKTNLYGFIIKGRSHLRNDTDVVNFVSMEFSLTDPRLEPHKWEKYCVLEIGDMLIRSAIGQVS
RPMFLYVRTNGTSKIKMKWGMEMRRCLLQSLQQIESMIEAESSVKEKDMTKEFFENKSETWPIGESPKGVEESSIGKVCR
TLLAKSVFNSLYASPQLEGFSAESRKLLLIVQALRDNLEPGTFDLGGLYEAIEECLINDPWVLLNASWFNSFLTHALS
;
A
2 'polypeptide(L)'
;MDVNPTLLFLKVPAQNAISTTFPYTGDPPYSHGTGTGYTMDTVNRTHQYSEKGRWTTNTETGAPQLNPIDGPLPEDNEPS
G
;
B
#
# COMPACT_ATOMS: atom_id res chain seq x y z
N ILE A 19 23.79 -8.14 38.84
CA ILE A 19 23.71 -8.05 37.33
C ILE A 19 23.51 -9.41 36.54
N GLU A 20 23.08 -10.50 37.23
CA GLU A 20 22.49 -11.75 36.60
C GLU A 20 20.91 -11.90 36.36
N PRO A 21 20.29 -10.91 35.67
CA PRO A 21 19.30 -11.14 34.61
C PRO A 21 19.60 -12.33 33.64
N PHE A 22 20.84 -12.82 33.64
CA PHE A 22 21.22 -13.84 32.70
C PHE A 22 20.85 -15.20 33.17
N LEU A 23 20.25 -15.24 34.35
CA LEU A 23 19.75 -16.51 34.89
C LEU A 23 18.24 -16.62 34.65
N LYS A 24 17.62 -15.46 34.39
CA LYS A 24 16.19 -15.28 34.27
C LYS A 24 15.75 -15.31 32.77
N THR A 25 14.67 -15.99 32.43
CA THR A 25 14.08 -15.73 31.13
C THR A 25 12.94 -14.69 31.15
N THR A 26 13.20 -13.53 30.53
CA THR A 26 12.28 -12.40 30.40
C THR A 26 12.23 -11.95 28.97
N PRO A 27 11.28 -11.10 28.61
CA PRO A 27 10.98 -10.66 27.23
C PRO A 27 12.06 -9.93 26.45
N ARG A 28 12.79 -10.63 25.64
CA ARG A 28 13.74 -9.92 24.84
C ARG A 28 13.12 -9.48 23.49
N PRO A 29 13.81 -8.65 22.70
CA PRO A 29 13.21 -8.37 21.43
C PRO A 29 13.59 -9.44 20.44
N LEU A 30 13.04 -9.32 19.24
CA LEU A 30 13.18 -10.34 18.18
C LEU A 30 14.42 -10.07 17.36
N ARG A 31 15.18 -11.09 17.04
CA ARG A 31 16.43 -10.98 16.27
C ARG A 31 16.03 -10.84 14.80
N LEU A 32 16.34 -9.73 14.16
CA LEU A 32 16.00 -9.61 12.79
C LEU A 32 17.25 -10.01 12.01
N PRO A 33 17.07 -10.33 10.72
CA PRO A 33 18.11 -10.88 9.88
C PRO A 33 19.06 -9.89 9.29
N ASN A 34 20.26 -10.38 9.01
CA ASN A 34 21.35 -9.63 8.49
C ASN A 34 21.34 -9.96 7.02
N GLY A 35 21.65 -8.99 6.17
CA GLY A 35 21.50 -9.14 4.74
C GLY A 35 21.64 -7.79 4.12
N PRO A 36 21.75 -7.76 2.78
CA PRO A 36 21.73 -6.46 2.10
C PRO A 36 20.32 -5.86 2.33
N PRO A 37 20.16 -4.52 2.40
CA PRO A 37 18.84 -3.91 2.77
C PRO A 37 17.71 -4.38 1.88
N CYS A 38 16.55 -4.57 2.48
CA CYS A 38 15.38 -5.08 1.75
C CYS A 38 14.93 -4.12 0.63
N SER A 39 14.17 -4.64 -0.34
CA SER A 39 13.76 -3.78 -1.46
C SER A 39 12.28 -3.80 -1.76
N GLN A 40 11.91 -3.01 -2.76
CA GLN A 40 10.49 -2.72 -2.92
C GLN A 40 9.94 -3.83 -3.73
N ARG A 41 8.67 -4.18 -3.54
CA ARG A 41 8.14 -5.34 -4.21
C ARG A 41 6.66 -5.23 -4.38
N SER A 42 6.10 -4.03 -4.27
CA SER A 42 4.68 -3.99 -4.46
C SER A 42 4.29 -3.95 -5.94
N LYS A 43 3.03 -4.35 -6.26
CA LYS A 43 2.61 -4.29 -7.66
C LYS A 43 2.78 -2.93 -8.32
N PHE A 44 2.59 -1.83 -7.57
CA PHE A 44 2.83 -0.50 -8.13
C PHE A 44 3.50 0.41 -7.09
N LEU A 45 3.87 1.62 -7.50
CA LEU A 45 4.58 2.56 -6.61
C LEU A 45 3.58 3.04 -5.57
N LEU A 46 4.09 3.40 -4.38
CA LEU A 46 3.24 3.89 -3.31
C LEU A 46 3.68 5.35 -3.10
N MET A 47 4.47 5.70 -2.07
CA MET A 47 4.73 7.11 -1.82
C MET A 47 5.36 7.76 -3.02
N ASP A 48 6.10 7.01 -3.80
CA ASP A 48 6.87 7.55 -4.85
C ASP A 48 6.08 7.89 -6.11
N ALA A 49 4.81 7.49 -6.20
CA ALA A 49 3.96 7.63 -7.39
C ALA A 49 3.87 9.13 -7.80
N LEU A 50 3.41 9.37 -9.01
CA LEU A 50 3.25 10.73 -9.64
C LEU A 50 2.16 10.55 -10.70
N LYS A 51 1.09 11.33 -10.60
CA LYS A 51 -0.05 11.29 -11.43
C LYS A 51 0.06 12.50 -12.44
N LEU A 52 -0.37 12.26 -13.67
CA LEU A 52 -0.66 13.36 -14.54
C LEU A 52 -2.19 13.36 -14.59
N SER A 53 -2.85 14.46 -14.33
CA SER A 53 -4.29 14.43 -14.42
C SER A 53 -5.03 15.60 -15.04
N ILE A 54 -6.32 15.40 -15.17
CA ILE A 54 -7.29 16.35 -15.71
C ILE A 54 -8.44 16.57 -14.73
N GLU A 55 -8.91 17.80 -14.57
CA GLU A 55 -10.05 18.06 -13.65
C GLU A 55 -11.33 18.20 -14.43
N ASP A 56 -12.49 18.03 -13.84
CA ASP A 56 -13.73 18.17 -14.64
C ASP A 56 -13.60 17.48 -16.02
N PRO A 57 -13.04 16.26 -16.09
CA PRO A 57 -12.75 15.88 -17.46
C PRO A 57 -14.04 15.77 -18.31
N SER A 58 -14.06 16.33 -19.52
CA SER A 58 -15.30 16.23 -20.34
C SER A 58 -15.15 15.92 -21.77
N HIS A 59 -13.93 15.79 -22.24
CA HIS A 59 -13.68 15.29 -23.57
C HIS A 59 -14.60 14.15 -24.03
N GLU A 60 -14.53 13.93 -25.33
CA GLU A 60 -15.39 13.06 -26.07
C GLU A 60 -14.82 11.71 -25.75
N GLY A 61 -15.67 10.85 -25.23
CA GLY A 61 -15.24 9.53 -24.76
C GLY A 61 -14.62 9.44 -23.38
N GLU A 62 -14.78 10.47 -22.55
CA GLU A 62 -14.24 10.36 -21.20
C GLU A 62 -14.82 9.16 -20.50
N GLY A 63 -14.02 8.57 -19.62
CA GLY A 63 -14.42 7.36 -18.99
C GLY A 63 -13.62 6.31 -19.66
N ILE A 64 -13.27 6.49 -20.96
CA ILE A 64 -12.56 5.42 -21.68
C ILE A 64 -11.05 5.53 -21.44
N PRO A 65 -10.49 4.50 -20.76
CA PRO A 65 -9.11 4.51 -20.24
C PRO A 65 -8.14 5.08 -21.20
N LEU A 66 -8.12 4.52 -22.37
CA LEU A 66 -7.10 4.88 -23.26
C LEU A 66 -7.23 6.37 -23.65
N TYR A 67 -8.45 6.88 -23.76
CA TYR A 67 -8.64 8.27 -24.14
C TYR A 67 -8.34 9.26 -23.03
N ASP A 68 -8.76 8.85 -21.81
CA ASP A 68 -8.47 9.57 -20.63
C ASP A 68 -6.94 9.70 -20.50
N ALA A 69 -6.27 8.56 -20.63
CA ALA A 69 -4.81 8.51 -20.58
C ALA A 69 -4.14 9.44 -21.56
N ILE A 70 -4.57 9.38 -22.81
CA ILE A 70 -4.02 10.27 -23.81
C ILE A 70 -4.26 11.72 -23.37
N LYS A 71 -5.45 11.99 -22.86
CA LYS A 71 -5.71 13.30 -22.34
C LYS A 71 -4.81 13.71 -21.17
N CYS A 72 -4.52 12.82 -20.17
CA CYS A 72 -3.56 13.16 -19.12
C CYS A 72 -2.20 13.34 -19.74
N MET A 73 -1.79 12.51 -20.68
CA MET A 73 -0.42 12.71 -21.20
C MET A 73 -0.26 14.12 -21.84
N ARG A 74 -1.32 14.65 -22.48
CA ARG A 74 -1.16 15.94 -23.10
C ARG A 74 -1.15 17.07 -22.09
N THR A 75 -1.37 16.83 -20.79
CA THR A 75 -1.27 17.96 -19.77
C THR A 75 0.18 18.24 -19.45
N PHE A 76 1.09 17.42 -19.93
CA PHE A 76 2.50 17.58 -19.59
C PHE A 76 3.36 17.83 -20.84
N PHE A 77 4.26 18.79 -20.69
CA PHE A 77 5.03 19.30 -21.82
C PHE A 77 6.53 19.13 -21.59
N GLY A 78 6.97 18.37 -20.59
CA GLY A 78 8.37 18.34 -20.27
C GLY A 78 9.09 17.15 -20.80
N TRP A 79 8.50 16.37 -21.68
CA TRP A 79 9.17 15.15 -22.08
C TRP A 79 10.48 15.50 -22.73
N LYS A 80 11.47 14.64 -22.51
CA LYS A 80 12.76 14.74 -23.14
C LYS A 80 13.10 13.33 -23.59
N GLU A 81 14.26 13.19 -24.23
CA GLU A 81 14.70 11.93 -24.82
C GLU A 81 15.13 11.07 -23.62
N PRO A 82 14.44 9.92 -23.44
CA PRO A 82 14.58 8.96 -22.37
C PRO A 82 16.01 8.55 -22.23
N ASN A 83 16.44 8.34 -20.99
CA ASN A 83 17.79 7.96 -20.73
C ASN A 83 17.70 6.93 -19.56
N VAL A 84 18.38 5.75 -19.60
CA VAL A 84 18.55 4.96 -18.39
C VAL A 84 19.39 5.66 -17.33
N VAL A 85 18.99 5.60 -16.06
CA VAL A 85 19.67 6.37 -15.02
C VAL A 85 19.89 5.51 -13.73
N LYS A 86 19.26 4.33 -13.67
CA LYS A 86 19.58 3.37 -12.63
C LYS A 86 19.24 2.07 -13.26
N PRO A 87 20.23 1.39 -13.90
CA PRO A 87 19.89 0.22 -14.74
C PRO A 87 19.45 -0.89 -13.84
N HIS A 88 18.61 -1.81 -14.31
CA HIS A 88 18.34 -3.02 -13.59
C HIS A 88 19.54 -3.91 -13.85
N GLU A 89 20.05 -4.61 -12.87
CA GLU A 89 21.30 -5.29 -13.23
C GLU A 89 21.22 -6.78 -13.62
N LYS A 90 20.11 -7.41 -13.32
CA LYS A 90 19.75 -8.62 -14.00
C LYS A 90 19.41 -8.25 -15.45
N GLY A 91 18.67 -7.17 -15.71
CA GLY A 91 18.06 -6.96 -17.04
C GLY A 91 18.94 -6.46 -18.20
N ILE A 92 18.41 -6.65 -19.42
CA ILE A 92 18.83 -6.03 -20.69
C ILE A 92 18.22 -4.61 -20.71
N ASN A 93 18.91 -3.67 -20.07
CA ASN A 93 18.41 -2.31 -19.90
C ASN A 93 17.93 -1.60 -21.18
N PRO A 94 18.58 -1.85 -22.33
CA PRO A 94 18.10 -0.99 -23.45
C PRO A 94 16.75 -1.43 -24.02
N ASN A 95 16.26 -2.56 -23.59
CA ASN A 95 14.93 -3.06 -23.97
C ASN A 95 13.81 -2.35 -23.21
N TYR A 96 14.12 -1.94 -21.98
CA TYR A 96 13.24 -1.03 -21.24
C TYR A 96 13.20 0.42 -21.79
N LEU A 97 14.30 1.05 -22.20
CA LEU A 97 14.18 2.30 -23.04
C LEU A 97 13.30 2.12 -24.29
N LEU A 98 13.61 1.14 -25.08
CA LEU A 98 12.80 0.84 -26.23
C LEU A 98 11.41 0.49 -25.90
N SER A 99 11.16 -0.06 -24.73
CA SER A 99 9.75 -0.25 -24.46
C SER A 99 9.08 1.12 -24.15
N TRP A 100 9.79 2.05 -23.51
CA TRP A 100 9.14 3.29 -23.12
C TRP A 100 8.84 4.01 -24.39
N LYS A 101 9.94 4.27 -25.11
CA LYS A 101 9.92 4.90 -26.42
C LYS A 101 8.87 4.27 -27.31
N GLN A 102 8.75 2.97 -27.27
CA GLN A 102 7.70 2.40 -28.04
C GLN A 102 6.31 2.89 -27.63
N VAL A 103 6.01 2.90 -26.33
CA VAL A 103 4.70 3.36 -25.90
C VAL A 103 4.48 4.82 -26.22
N LEU A 104 5.51 5.64 -26.02
CA LEU A 104 5.45 7.04 -26.42
C LEU A 104 5.08 7.10 -27.91
N ALA A 105 5.89 6.45 -28.77
CA ALA A 105 5.63 6.39 -30.20
C ALA A 105 4.20 5.97 -30.52
N GLU A 106 3.76 4.81 -30.05
CA GLU A 106 2.42 4.26 -30.41
C GLU A 106 1.21 5.08 -29.98
N LEU A 107 1.41 6.06 -29.13
CA LEU A 107 0.29 6.88 -28.68
C LEU A 107 0.03 8.03 -29.67
N GLN A 108 1.11 8.62 -30.21
CA GLN A 108 1.03 9.75 -31.18
C GLN A 108 0.27 9.35 -32.46
N ASP A 109 -1.07 9.45 -32.40
CA ASP A 109 -1.97 8.77 -33.35
C ASP A 109 -3.41 9.34 -33.47
N ILE A 110 -3.69 9.94 -34.66
CA ILE A 110 -5.05 10.25 -35.26
C ILE A 110 -6.13 10.91 -34.33
N ILE A 116 -8.20 6.51 -33.29
CA ILE A 116 -9.43 6.75 -32.53
C ILE A 116 -9.99 5.52 -31.72
N PRO A 117 -9.35 4.30 -31.71
CA PRO A 117 -10.07 3.13 -31.09
C PRO A 117 -10.00 3.05 -29.55
N LYS A 118 -10.68 2.05 -28.98
CA LYS A 118 -10.89 1.96 -27.54
C LYS A 118 -9.70 1.35 -26.76
N THR A 119 -9.12 0.29 -27.26
CA THR A 119 -8.00 -0.29 -26.57
C THR A 119 -6.88 -0.34 -27.58
N LYS A 120 -5.73 -0.87 -27.19
CA LYS A 120 -4.55 -0.58 -27.97
C LYS A 120 -3.44 -1.52 -27.70
N ASN A 121 -3.27 -2.44 -28.65
CA ASN A 121 -2.25 -3.46 -28.58
C ASN A 121 -0.96 -2.97 -29.19
N MET A 122 0.14 -3.40 -28.61
CA MET A 122 1.44 -2.94 -29.01
C MET A 122 2.01 -3.87 -30.08
N LYS A 123 2.83 -3.31 -30.97
CA LYS A 123 3.55 -4.14 -31.91
C LYS A 123 4.37 -5.01 -31.01
N LYS A 124 4.16 -6.33 -31.12
CA LYS A 124 4.92 -7.32 -30.35
C LYS A 124 6.35 -7.29 -30.79
N THR A 125 7.01 -6.15 -30.58
CA THR A 125 8.42 -5.95 -30.90
C THR A 125 9.37 -6.81 -30.11
N SER A 126 10.66 -6.57 -30.38
CA SER A 126 11.76 -7.47 -29.95
C SER A 126 11.99 -7.27 -28.45
N GLN A 127 11.95 -5.99 -28.04
CA GLN A 127 12.23 -5.57 -26.65
C GLN A 127 11.04 -5.80 -25.77
N LEU A 128 9.86 -5.74 -26.34
CA LEU A 128 8.71 -6.18 -25.60
C LEU A 128 8.84 -7.63 -25.31
N LYS A 129 8.69 -8.49 -26.31
CA LYS A 129 8.84 -9.96 -26.12
C LYS A 129 9.90 -10.37 -25.07
N TRP A 130 11.02 -9.69 -25.10
CA TRP A 130 11.97 -9.94 -24.05
C TRP A 130 11.36 -9.50 -22.71
N ALA A 131 11.15 -8.19 -22.51
CA ALA A 131 10.51 -7.71 -21.29
C ALA A 131 9.29 -8.51 -20.84
N LEU A 132 8.54 -9.14 -21.71
CA LEU A 132 7.40 -9.86 -21.21
C LEU A 132 7.71 -11.35 -20.96
N GLY A 133 9.02 -11.67 -20.85
CA GLY A 133 9.56 -13.06 -20.66
C GLY A 133 9.44 -14.09 -21.79
N PRO A 160 16.43 -18.93 1.83
CA PRO A 160 16.50 -17.98 0.66
C PRO A 160 17.47 -16.79 0.90
N GLU A 161 17.38 -15.71 0.13
CA GLU A 161 18.29 -14.62 0.40
C GLU A 161 17.75 -13.76 1.58
N LEU A 162 18.58 -13.54 2.59
CA LEU A 162 18.23 -12.76 3.74
C LEU A 162 18.44 -11.33 3.38
N ARG A 163 17.55 -10.48 3.86
CA ARG A 163 17.75 -9.02 3.71
C ARG A 163 17.39 -8.41 5.01
N SER A 164 17.99 -7.25 5.33
CA SER A 164 17.75 -6.58 6.57
C SER A 164 16.76 -5.39 6.38
N LEU A 165 16.22 -4.88 7.48
CA LEU A 165 15.31 -3.81 7.45
C LEU A 165 16.03 -2.54 6.95
N ALA A 166 15.31 -1.61 6.36
CA ALA A 166 15.86 -0.45 5.80
C ALA A 166 14.68 0.48 6.05
N SER A 167 14.96 1.75 6.26
CA SER A 167 14.02 2.79 6.52
C SER A 167 12.95 3.10 5.55
N TRP A 168 13.02 2.65 4.30
CA TRP A 168 12.09 3.22 3.38
C TRP A 168 10.73 2.72 3.75
N ILE A 169 10.66 1.56 4.38
CA ILE A 169 9.34 0.91 4.52
C ILE A 169 8.55 1.64 5.59
N GLN A 170 9.22 2.10 6.64
CA GLN A 170 8.52 2.76 7.69
C GLN A 170 8.10 4.12 7.10
N ASN A 171 8.94 4.65 6.22
CA ASN A 171 8.52 5.94 5.60
C ASN A 171 7.30 5.73 4.74
N GLU A 172 7.27 4.66 3.94
CA GLU A 172 6.03 4.37 3.19
C GLU A 172 4.88 4.28 4.10
N PHE A 173 5.03 3.58 5.25
CA PHE A 173 3.90 3.44 6.16
C PHE A 173 3.46 4.79 6.65
N ASN A 174 4.39 5.65 7.04
CA ASN A 174 3.97 7.02 7.52
C ASN A 174 3.16 7.77 6.42
N LYS A 175 3.60 7.68 5.17
CA LYS A 175 2.79 8.33 4.11
C LYS A 175 1.43 7.75 3.95
N ALA A 176 1.28 6.47 4.22
CA ALA A 176 -0.02 5.83 3.97
C ALA A 176 -1.05 6.35 4.93
N CYS A 177 -0.61 6.70 6.14
CA CYS A 177 -1.56 7.11 7.19
C CYS A 177 -2.01 8.59 7.04
N GLU A 178 -1.45 9.34 6.10
CA GLU A 178 -1.67 10.78 6.03
C GLU A 178 -2.95 11.09 5.38
N LEU A 179 -3.44 12.31 5.65
CA LEU A 179 -4.60 12.94 4.91
C LEU A 179 -4.18 13.42 3.58
N THR A 180 -5.01 13.31 2.57
CA THR A 180 -4.64 13.95 1.33
C THR A 180 -5.58 15.15 1.06
N ASP A 181 -5.24 15.93 0.04
CA ASP A 181 -6.10 17.04 -0.35
C ASP A 181 -7.31 16.49 -1.09
N SER A 182 -7.20 15.36 -1.79
CA SER A 182 -8.35 14.72 -2.47
C SER A 182 -9.08 13.64 -1.70
N SER A 183 -10.33 13.33 -2.09
CA SER A 183 -11.01 12.16 -1.54
C SER A 183 -11.23 11.04 -2.59
N TRP A 184 -11.18 9.80 -2.12
CA TRP A 184 -10.97 8.69 -2.96
C TRP A 184 -12.20 7.83 -2.94
N ILE A 185 -13.16 8.08 -2.04
CA ILE A 185 -14.45 7.33 -1.99
C ILE A 185 -15.52 8.34 -1.82
N GLU A 186 -16.75 7.86 -1.90
CA GLU A 186 -17.95 8.65 -1.70
C GLU A 186 -18.00 9.83 -2.69
N LEU A 187 -17.87 9.48 -3.99
CA LEU A 187 -17.64 10.45 -5.09
C LEU A 187 -18.82 10.73 -5.99
N ASP A 188 -19.92 10.02 -5.77
CA ASP A 188 -21.11 10.06 -6.63
C ASP A 188 -22.01 11.12 -6.07
N GLU A 189 -23.15 11.28 -6.72
CA GLU A 189 -24.20 12.08 -6.18
C GLU A 189 -24.65 11.37 -5.00
N ILE A 190 -25.17 12.16 -4.08
CA ILE A 190 -25.45 11.71 -2.77
C ILE A 190 -26.88 11.31 -2.68
N GLY A 191 -27.12 10.21 -2.00
CA GLY A 191 -28.47 9.72 -1.75
C GLY A 191 -28.59 8.94 -0.45
N GLU A 192 -29.82 8.52 -0.17
CA GLU A 192 -30.22 7.82 1.04
C GLU A 192 -29.31 6.62 1.26
N ASP A 193 -29.05 6.33 2.53
CA ASP A 193 -28.56 5.01 2.89
C ASP A 193 -29.79 4.08 2.99
N VAL A 194 -30.28 3.61 1.85
CA VAL A 194 -31.16 2.43 1.84
C VAL A 194 -30.26 1.19 2.02
N ALA A 195 -30.39 0.54 3.18
CA ALA A 195 -29.41 -0.40 3.74
C ALA A 195 -29.72 -0.45 5.23
N PRO A 196 -30.18 -1.64 5.71
CA PRO A 196 -30.70 -1.85 7.10
C PRO A 196 -29.54 -2.07 8.06
N ILE A 197 -29.35 -1.10 8.97
CA ILE A 197 -28.16 -1.08 9.83
C ILE A 197 -28.47 -0.37 11.15
N GLU A 198 -28.10 -0.97 12.28
CA GLU A 198 -28.39 -0.36 13.57
C GLU A 198 -27.85 1.08 13.66
N HIS A 199 -28.46 1.87 14.51
CA HIS A 199 -28.14 3.28 14.67
C HIS A 199 -26.63 3.48 14.97
N ILE A 200 -26.18 2.94 16.08
CA ILE A 200 -24.80 3.10 16.53
C ILE A 200 -23.78 2.52 15.52
N ALA A 201 -24.11 1.40 14.90
CA ALA A 201 -23.24 0.87 13.89
C ALA A 201 -23.16 1.78 12.61
N SER A 202 -24.24 2.45 12.25
CA SER A 202 -24.06 3.29 11.09
C SER A 202 -23.39 4.63 11.49
N MET A 203 -23.61 5.10 12.71
CA MET A 203 -22.94 6.23 13.24
C MET A 203 -21.41 6.00 13.19
N ARG A 204 -20.96 4.79 13.47
CA ARG A 204 -19.54 4.49 13.58
C ARG A 204 -18.99 4.41 12.22
N ARG A 205 -19.71 3.70 11.37
CA ARG A 205 -19.31 3.57 10.01
C ARG A 205 -19.14 4.97 9.38
N ASN A 206 -19.96 5.96 9.76
CA ASN A 206 -20.08 7.14 8.97
C ASN A 206 -19.06 8.11 9.48
N TYR A 207 -18.81 8.17 10.80
CA TYR A 207 -17.70 8.79 11.39
C TYR A 207 -16.38 8.30 10.80
N PHE A 208 -16.21 7.00 10.71
CA PHE A 208 -14.95 6.42 10.16
C PHE A 208 -14.68 6.94 8.75
N THR A 209 -15.71 6.94 7.93
CA THR A 209 -15.61 7.37 6.56
C THR A 209 -15.20 8.82 6.52
N SER A 210 -15.59 9.61 7.52
CA SER A 210 -15.31 11.05 7.44
C SER A 210 -13.85 11.13 7.68
N GLU A 211 -13.27 10.09 8.27
CA GLU A 211 -11.83 10.18 8.64
C GLU A 211 -11.00 9.52 7.60
N VAL A 212 -11.54 8.62 6.78
CA VAL A 212 -10.64 7.84 5.93
C VAL A 212 -10.83 8.18 4.49
N SER A 213 -11.68 9.15 4.19
CA SER A 213 -12.04 9.24 2.78
C SER A 213 -10.97 9.95 1.94
N HIS A 214 -10.22 10.81 2.63
CA HIS A 214 -9.04 11.48 2.17
C HIS A 214 -7.75 10.82 2.62
N CYS A 215 -7.76 9.67 3.24
CA CYS A 215 -6.56 9.01 3.60
C CYS A 215 -5.83 8.51 2.37
N ARG A 216 -4.53 8.76 2.35
CA ARG A 216 -3.68 8.16 1.35
C ARG A 216 -3.82 6.66 1.17
N ALA A 217 -3.97 5.86 2.20
CA ALA A 217 -4.27 4.40 2.05
C ALA A 217 -5.48 4.19 1.25
N THR A 218 -6.45 5.09 1.31
CA THR A 218 -7.65 4.96 0.46
C THR A 218 -7.33 5.11 -1.03
N GLU A 219 -6.35 5.98 -1.37
CA GLU A 219 -5.94 6.11 -2.77
C GLU A 219 -5.33 4.76 -3.17
N TYR A 220 -4.49 4.18 -2.31
CA TYR A 220 -3.96 2.91 -2.67
C TYR A 220 -5.03 1.80 -2.90
N ILE A 221 -6.08 1.71 -2.13
CA ILE A 221 -7.09 0.72 -2.34
C ILE A 221 -7.66 1.00 -3.77
N MET A 222 -7.86 2.27 -4.09
CA MET A 222 -8.68 2.56 -5.21
C MET A 222 -7.81 2.32 -6.40
N LYS A 223 -6.56 2.57 -6.25
CA LYS A 223 -5.63 2.25 -7.29
C LYS A 223 -5.49 0.76 -7.59
N GLY A 224 -5.50 -0.05 -6.54
CA GLY A 224 -5.39 -1.49 -6.80
C GLY A 224 -6.65 -2.01 -7.45
N VAL A 225 -7.80 -1.53 -6.99
CA VAL A 225 -9.09 -1.90 -7.55
C VAL A 225 -9.10 -1.57 -9.01
N TYR A 226 -8.68 -0.39 -9.38
CA TYR A 226 -8.79 0.05 -10.76
C TYR A 226 -7.90 -0.71 -11.67
N ILE A 227 -6.65 -0.84 -11.27
CA ILE A 227 -5.62 -1.46 -12.06
C ILE A 227 -5.92 -3.00 -12.17
N ASN A 228 -6.29 -3.66 -11.09
CA ASN A 228 -6.44 -5.03 -11.17
C ASN A 228 -7.66 -5.28 -12.05
N THR A 229 -8.78 -4.60 -11.85
CA THR A 229 -9.87 -4.85 -12.70
C THR A 229 -9.61 -4.49 -14.18
N ALA A 230 -8.72 -3.58 -14.52
CA ALA A 230 -8.43 -3.32 -15.89
C ALA A 230 -7.63 -4.47 -16.41
N LEU A 231 -6.74 -4.96 -15.58
CA LEU A 231 -5.88 -6.08 -15.94
C LEU A 231 -6.68 -7.36 -16.21
N LEU A 232 -7.58 -7.75 -15.30
CA LEU A 232 -8.53 -8.82 -15.57
C LEU A 232 -9.25 -8.56 -16.92
N ASN A 233 -9.96 -7.45 -17.08
CA ASN A 233 -10.54 -7.14 -18.37
C ASN A 233 -9.56 -7.36 -19.52
N ALA A 234 -8.34 -6.86 -19.47
CA ALA A 234 -7.53 -7.00 -20.69
C ALA A 234 -7.10 -8.44 -20.88
N SER A 235 -6.85 -9.11 -19.76
CA SER A 235 -6.34 -10.45 -19.79
C SER A 235 -7.32 -11.43 -20.39
N CYS A 236 -8.57 -11.01 -20.54
CA CYS A 236 -9.63 -11.89 -20.97
C CYS A 236 -10.17 -11.56 -22.33
N ALA A 237 -10.09 -10.31 -22.74
CA ALA A 237 -10.56 -9.86 -24.04
C ALA A 237 -9.50 -10.11 -25.13
N ALA A 238 -8.44 -9.30 -25.22
CA ALA A 238 -7.20 -9.80 -25.82
C ALA A 238 -6.80 -11.02 -24.99
N MET A 239 -5.95 -11.88 -25.51
CA MET A 239 -5.37 -12.94 -24.70
C MET A 239 -4.08 -13.20 -25.39
N ASP A 240 -4.07 -12.85 -26.66
CA ASP A 240 -2.92 -13.07 -27.50
C ASP A 240 -2.29 -11.76 -27.81
N ASP A 241 -2.89 -10.73 -27.20
CA ASP A 241 -2.47 -9.34 -27.37
C ASP A 241 -1.58 -8.77 -26.27
N PHE A 242 -0.71 -7.85 -26.70
CA PHE A 242 0.09 -7.08 -25.82
C PHE A 242 -0.62 -5.76 -25.46
N GLN A 243 -1.77 -5.85 -24.78
CA GLN A 243 -2.55 -4.64 -24.58
C GLN A 243 -1.79 -3.68 -23.68
N LEU A 244 -1.82 -2.40 -24.09
CA LEU A 244 -1.34 -1.27 -23.35
C LEU A 244 -2.41 -0.89 -22.35
N ILE A 245 -2.10 -1.02 -21.05
CA ILE A 245 -3.13 -0.78 -20.02
C ILE A 245 -2.79 0.42 -19.13
N PRO A 246 -3.48 1.56 -19.32
CA PRO A 246 -3.18 2.77 -18.54
C PRO A 246 -3.47 2.54 -17.01
N MET A 247 -2.61 3.08 -16.14
CA MET A 247 -2.82 2.91 -14.69
C MET A 247 -3.61 4.13 -14.26
N ILE A 248 -4.87 3.93 -13.89
CA ILE A 248 -5.72 5.09 -13.58
C ILE A 248 -6.32 5.08 -12.21
N SER A 249 -6.58 6.26 -11.63
CA SER A 249 -7.59 6.39 -10.58
C SER A 249 -8.40 7.65 -10.83
N LYS A 250 -9.54 7.77 -10.21
CA LYS A 250 -10.29 9.01 -10.13
C LYS A 250 -10.55 9.41 -8.70
N CYS A 251 -10.71 10.71 -8.48
CA CYS A 251 -10.94 11.27 -7.13
C CYS A 251 -11.66 12.57 -7.23
N ARG A 252 -11.94 13.19 -6.08
CA ARG A 252 -12.46 14.52 -6.11
C ARG A 252 -11.54 15.41 -5.33
N THR A 253 -11.28 16.58 -5.84
CA THR A 253 -10.25 17.44 -5.28
C THR A 253 -10.62 18.20 -3.97
N LYS A 254 -9.66 18.89 -3.35
CA LYS A 254 -9.97 19.76 -2.15
C LYS A 254 -11.13 20.66 -2.45
N GLU A 255 -11.24 21.19 -3.69
CA GLU A 255 -12.43 21.98 -4.10
C GLU A 255 -13.63 21.18 -4.50
N GLY A 256 -13.60 19.88 -4.63
CA GLY A 256 -14.81 19.24 -5.05
C GLY A 256 -14.93 18.91 -6.50
N ARG A 257 -13.88 19.16 -7.26
CA ARG A 257 -13.85 18.77 -8.65
C ARG A 257 -13.57 17.27 -8.97
N ARG A 258 -14.15 16.76 -10.05
CA ARG A 258 -13.81 15.43 -10.44
C ARG A 258 -12.41 15.48 -11.02
N LYS A 259 -11.63 14.44 -10.74
CA LYS A 259 -10.30 14.40 -11.27
C LYS A 259 -9.91 13.00 -11.74
N THR A 260 -9.33 12.88 -12.94
CA THR A 260 -8.81 11.55 -13.26
C THR A 260 -7.30 11.44 -13.37
N ASN A 261 -6.69 10.37 -12.81
CA ASN A 261 -5.24 10.36 -12.64
C ASN A 261 -4.59 9.26 -13.38
N LEU A 262 -3.41 9.51 -13.96
CA LEU A 262 -2.64 8.53 -14.76
C LEU A 262 -1.29 8.35 -14.10
N TYR A 263 -1.03 7.16 -13.50
CA TYR A 263 0.20 6.87 -12.73
C TYR A 263 1.29 6.39 -13.62
N GLY A 264 0.93 6.05 -14.82
CA GLY A 264 1.84 5.35 -15.73
C GLY A 264 1.04 4.34 -16.61
N PHE A 265 1.77 3.39 -17.18
CA PHE A 265 1.12 2.27 -17.90
C PHE A 265 1.77 0.98 -17.63
N ILE A 266 0.94 -0.05 -17.75
CA ILE A 266 1.27 -1.47 -17.87
C ILE A 266 1.07 -2.04 -19.29
N ILE A 267 2.04 -2.81 -19.79
CA ILE A 267 1.78 -3.75 -20.90
C ILE A 267 1.64 -5.24 -20.43
N LYS A 268 0.51 -5.83 -20.79
CA LYS A 268 0.15 -7.23 -20.59
C LYS A 268 1.04 -8.12 -21.52
N GLY A 269 1.46 -9.32 -21.08
CA GLY A 269 1.93 -10.35 -22.04
C GLY A 269 0.77 -11.21 -22.54
N ARG A 270 1.03 -12.43 -23.00
CA ARG A 270 -0.07 -13.31 -23.43
C ARG A 270 -0.90 -13.82 -22.23
N SER A 271 -2.20 -14.01 -22.43
CA SER A 271 -3.08 -14.28 -21.31
C SER A 271 -4.14 -15.26 -21.73
N HIS A 272 -3.64 -16.42 -22.13
CA HIS A 272 -4.48 -17.58 -22.25
C HIS A 272 -4.26 -18.18 -20.86
N LEU A 273 -5.23 -17.96 -19.98
CA LEU A 273 -5.09 -18.46 -18.62
C LEU A 273 -6.27 -19.38 -18.45
N ARG A 274 -6.05 -20.57 -17.90
CA ARG A 274 -7.18 -21.44 -17.55
C ARG A 274 -7.21 -21.83 -16.09
N ASN A 275 -6.11 -22.32 -15.53
CA ASN A 275 -6.03 -22.33 -14.07
C ASN A 275 -6.16 -20.87 -13.55
N ASP A 276 -6.73 -20.73 -12.36
CA ASP A 276 -6.72 -19.45 -11.68
C ASP A 276 -5.33 -18.97 -11.36
N THR A 277 -4.37 -19.88 -11.49
CA THR A 277 -3.00 -19.70 -11.03
C THR A 277 -2.12 -19.33 -12.18
N ASP A 278 -2.64 -19.52 -13.38
CA ASP A 278 -1.93 -19.16 -14.59
C ASP A 278 -1.57 -17.67 -14.56
N VAL A 279 -0.33 -17.39 -14.99
CA VAL A 279 0.37 -16.16 -14.77
C VAL A 279 0.45 -15.25 -16.01
N VAL A 280 -0.02 -13.99 -15.89
CA VAL A 280 0.16 -13.00 -16.93
C VAL A 280 1.41 -12.22 -16.62
N ASN A 281 2.38 -12.24 -17.51
CA ASN A 281 3.50 -11.35 -17.31
C ASN A 281 3.04 -10.03 -17.74
N PHE A 282 3.74 -9.01 -17.20
CA PHE A 282 3.49 -7.63 -17.54
C PHE A 282 4.68 -6.77 -17.22
N VAL A 283 4.80 -5.69 -18.00
CA VAL A 283 5.75 -4.58 -17.68
C VAL A 283 4.99 -3.31 -17.19
N SER A 284 5.30 -2.85 -15.99
CA SER A 284 4.69 -1.65 -15.45
C SER A 284 5.66 -0.51 -15.70
N MET A 285 5.17 0.66 -16.08
CA MET A 285 6.04 1.82 -16.23
C MET A 285 5.41 2.97 -15.47
N GLU A 286 6.11 3.53 -14.51
CA GLU A 286 5.41 4.42 -13.56
C GLU A 286 6.19 5.69 -13.36
N PHE A 287 5.54 6.82 -13.65
CA PHE A 287 6.06 8.12 -13.44
C PHE A 287 6.37 8.25 -11.91
N SER A 288 7.40 9.02 -11.61
CA SER A 288 7.73 9.34 -10.27
C SER A 288 8.71 10.52 -10.28
N LEU A 289 8.74 11.34 -9.24
CA LEU A 289 9.75 12.37 -9.10
C LEU A 289 10.88 11.94 -8.19
N THR A 290 10.82 10.73 -7.68
CA THR A 290 11.90 10.30 -6.84
C THR A 290 13.10 9.71 -7.65
N ASP A 291 14.26 10.27 -7.34
CA ASP A 291 15.54 10.03 -7.99
C ASP A 291 16.00 8.74 -7.33
N PRO A 292 16.06 7.62 -8.07
CA PRO A 292 16.31 6.32 -7.48
C PRO A 292 17.71 6.14 -6.94
N ARG A 293 18.57 7.14 -7.13
CA ARG A 293 19.96 7.09 -6.76
C ARG A 293 20.20 7.39 -5.27
N LEU A 294 19.18 7.87 -4.56
CA LEU A 294 19.35 8.10 -3.15
C LEU A 294 19.13 6.87 -2.31
N GLU A 295 18.55 5.84 -2.92
CA GLU A 295 18.18 4.69 -2.18
C GLU A 295 18.13 3.61 -3.20
N PRO A 296 19.28 3.36 -3.88
CA PRO A 296 19.23 2.39 -5.03
C PRO A 296 18.85 0.98 -4.55
N HIS A 297 19.07 0.71 -3.26
CA HIS A 297 18.73 -0.66 -2.79
C HIS A 297 17.23 -0.93 -2.80
N LYS A 298 16.39 0.09 -2.59
CA LYS A 298 14.98 -0.11 -2.68
C LYS A 298 14.59 -0.50 -4.11
N TRP A 299 15.30 0.02 -5.10
CA TRP A 299 14.96 -0.20 -6.57
C TRP A 299 15.65 -1.39 -7.32
N GLU A 300 16.16 -2.31 -6.57
CA GLU A 300 16.83 -3.44 -7.16
C GLU A 300 15.93 -4.22 -8.19
N LYS A 301 14.62 -4.13 -8.11
CA LYS A 301 13.81 -4.83 -9.02
C LYS A 301 13.50 -4.04 -10.34
N TYR A 302 14.17 -2.92 -10.58
CA TYR A 302 13.68 -1.93 -11.51
C TYR A 302 14.74 -1.42 -12.42
N CYS A 303 14.35 -1.14 -13.67
CA CYS A 303 15.17 -0.24 -14.51
C CYS A 303 14.55 1.14 -14.44
N VAL A 304 15.36 2.15 -14.13
CA VAL A 304 14.80 3.46 -13.98
C VAL A 304 15.32 4.44 -15.05
N LEU A 305 14.40 5.10 -15.73
CA LEU A 305 14.73 6.03 -16.76
C LEU A 305 14.49 7.45 -16.33
N GLU A 306 15.19 8.41 -16.95
CA GLU A 306 14.83 9.83 -16.82
C GLU A 306 14.10 10.19 -18.10
N ILE A 307 12.89 10.77 -17.96
CA ILE A 307 12.02 10.95 -19.09
C ILE A 307 11.53 12.36 -19.32
N GLY A 308 11.96 13.38 -18.55
CA GLY A 308 11.31 14.71 -18.57
C GLY A 308 11.73 15.64 -17.43
N ASP A 309 11.18 16.87 -17.36
CA ASP A 309 11.28 17.71 -16.14
C ASP A 309 9.94 18.28 -15.77
N MET A 310 9.70 18.49 -14.49
CA MET A 310 8.38 18.98 -14.06
C MET A 310 8.59 20.26 -13.29
N LEU A 311 7.55 21.12 -13.20
CA LEU A 311 7.60 22.35 -12.36
C LEU A 311 7.55 22.24 -10.80
N SER A 320 11.50 23.34 -10.15
CA SER A 320 11.74 22.41 -11.32
C SER A 320 12.68 21.18 -11.15
N ARG A 321 12.12 19.97 -11.38
CA ARG A 321 12.76 18.69 -11.02
C ARG A 321 12.80 17.78 -12.24
N PRO A 322 13.76 16.87 -12.29
CA PRO A 322 13.65 15.83 -13.28
C PRO A 322 12.54 14.83 -12.99
N MET A 323 12.01 14.23 -14.05
CA MET A 323 10.95 13.23 -14.00
C MET A 323 11.38 11.82 -14.46
N PHE A 324 11.02 10.83 -13.65
CA PHE A 324 11.50 9.44 -13.77
C PHE A 324 10.44 8.47 -14.16
N LEU A 325 10.85 7.32 -14.70
CA LEU A 325 9.88 6.26 -15.07
C LEU A 325 10.45 5.00 -14.43
N TYR A 326 9.73 4.45 -13.49
CA TYR A 326 10.20 3.27 -12.90
C TYR A 326 9.67 2.10 -13.69
N VAL A 327 10.63 1.34 -14.23
CA VAL A 327 10.16 0.20 -14.96
C VAL A 327 10.64 -1.15 -14.45
N ARG A 328 9.74 -2.12 -14.55
CA ARG A 328 10.04 -3.50 -14.12
C ARG A 328 9.06 -4.50 -14.72
N THR A 329 9.44 -5.74 -14.83
CA THR A 329 8.47 -6.73 -15.30
C THR A 329 7.93 -7.45 -14.07
N ASN A 330 6.80 -8.10 -14.20
CA ASN A 330 6.15 -8.57 -13.01
C ASN A 330 5.14 -9.56 -13.52
N GLY A 331 4.30 -10.10 -12.66
CA GLY A 331 3.35 -11.09 -13.12
C GLY A 331 2.18 -11.18 -12.20
N THR A 332 1.05 -11.60 -12.74
CA THR A 332 -0.12 -11.76 -11.88
C THR A 332 -0.99 -12.94 -12.37
N SER A 333 -2.11 -13.20 -11.73
CA SER A 333 -2.90 -14.32 -11.99
C SER A 333 -4.33 -13.93 -11.67
N LYS A 334 -5.34 -14.68 -12.08
CA LYS A 334 -6.71 -14.20 -11.88
C LYS A 334 -6.98 -14.12 -10.35
N ILE A 335 -6.12 -14.71 -9.57
CA ILE A 335 -6.42 -14.74 -8.20
C ILE A 335 -5.78 -13.52 -7.52
N LYS A 336 -4.61 -13.12 -7.98
CA LYS A 336 -3.97 -11.98 -7.39
C LYS A 336 -4.70 -10.69 -7.77
N MET A 337 -5.18 -10.64 -9.02
CA MET A 337 -5.99 -9.56 -9.57
C MET A 337 -7.28 -9.49 -8.87
N LYS A 338 -7.82 -10.64 -8.54
CA LYS A 338 -9.04 -10.53 -7.77
C LYS A 338 -8.84 -10.00 -6.33
N TRP A 339 -7.70 -10.28 -5.75
CA TRP A 339 -7.29 -9.82 -4.44
C TRP A 339 -7.20 -8.29 -4.53
N GLY A 340 -6.52 -7.78 -5.55
CA GLY A 340 -6.46 -6.36 -5.79
C GLY A 340 -7.84 -5.78 -5.95
N MET A 341 -8.64 -6.36 -6.84
CA MET A 341 -9.99 -5.89 -7.00
C MET A 341 -10.78 -5.81 -5.75
N GLU A 342 -10.37 -6.50 -4.72
CA GLU A 342 -11.18 -6.52 -3.53
C GLU A 342 -10.64 -5.78 -2.28
N MET A 343 -9.70 -4.89 -2.53
CA MET A 343 -9.04 -4.13 -1.52
C MET A 343 -9.94 -3.20 -0.75
N ARG A 344 -11.20 -2.99 -1.12
CA ARG A 344 -12.10 -2.28 -0.25
C ARG A 344 -12.44 -3.06 0.98
N ARG A 345 -12.06 -4.32 1.03
CA ARG A 345 -12.35 -5.11 2.23
C ARG A 345 -11.56 -4.49 3.37
N CYS A 346 -10.47 -3.77 3.04
CA CYS A 346 -9.60 -3.18 4.09
C CYS A 346 -10.32 -2.05 4.85
N LEU A 347 -11.22 -1.37 4.17
CA LEU A 347 -12.04 -0.40 4.84
C LEU A 347 -12.87 -1.12 5.87
N LEU A 348 -13.46 -2.26 5.44
CA LEU A 348 -14.26 -3.12 6.37
C LEU A 348 -13.50 -3.61 7.55
N GLN A 349 -12.37 -4.22 7.28
CA GLN A 349 -11.58 -4.78 8.32
C GLN A 349 -11.19 -3.72 9.33
N SER A 350 -10.67 -2.58 8.89
CA SER A 350 -10.25 -1.58 9.83
C SER A 350 -11.38 -0.90 10.56
N LEU A 351 -12.52 -0.70 9.94
CA LEU A 351 -13.71 -0.25 10.69
C LEU A 351 -14.06 -1.19 11.88
N GLN A 352 -14.06 -2.48 11.62
CA GLN A 352 -14.45 -3.40 12.65
C GLN A 352 -13.53 -3.30 13.81
N GLN A 353 -12.20 -3.25 13.62
CA GLN A 353 -11.36 -3.06 14.82
C GLN A 353 -11.63 -1.71 15.43
N ILE A 354 -11.92 -0.70 14.62
CA ILE A 354 -12.20 0.65 15.26
C ILE A 354 -13.47 0.55 16.11
N GLU A 355 -14.45 -0.15 15.56
CA GLU A 355 -15.71 -0.27 16.29
C GLU A 355 -15.51 -1.03 17.56
N SER A 356 -14.67 -2.04 17.54
CA SER A 356 -14.58 -2.75 18.81
C SER A 356 -13.69 -1.98 19.83
N MET A 357 -12.69 -1.25 19.36
CA MET A 357 -12.07 -0.39 20.31
C MET A 357 -13.16 0.45 20.93
N ILE A 358 -14.07 0.96 20.08
CA ILE A 358 -15.00 1.97 20.59
C ILE A 358 -16.00 1.29 21.47
N GLU A 359 -16.43 0.06 21.11
CA GLU A 359 -17.32 -0.68 22.04
C GLU A 359 -16.73 -0.85 23.43
N ALA A 360 -15.49 -1.33 23.46
CA ALA A 360 -14.88 -1.70 24.70
C ALA A 360 -14.85 -0.53 25.63
N GLU A 361 -14.55 0.65 25.10
CA GLU A 361 -14.37 1.84 25.87
C GLU A 361 -15.69 2.36 26.33
N SER A 362 -16.68 2.19 25.51
CA SER A 362 -17.79 2.98 25.78
C SER A 362 -18.64 2.14 26.73
N SER A 363 -18.20 0.92 26.95
CA SER A 363 -18.88 0.02 27.88
C SER A 363 -18.36 0.25 29.32
N VAL A 364 -17.05 0.26 29.51
CA VAL A 364 -16.48 0.88 30.67
C VAL A 364 -17.30 2.13 31.16
N LYS A 365 -17.52 3.12 30.29
CA LYS A 365 -18.02 4.47 30.72
C LYS A 365 -19.54 4.53 30.69
N GLU A 366 -20.12 3.37 30.39
CA GLU A 366 -21.57 3.18 30.27
C GLU A 366 -22.27 4.30 29.47
N LYS A 367 -21.57 4.90 28.48
CA LYS A 367 -22.23 5.65 27.39
C LYS A 367 -21.53 5.44 26.07
N ASP A 368 -22.27 5.60 25.00
CA ASP A 368 -21.67 5.59 23.70
C ASP A 368 -20.73 6.77 23.59
N MET A 369 -19.48 6.44 23.25
CA MET A 369 -18.45 7.43 23.15
C MET A 369 -18.14 7.84 21.68
N THR A 370 -18.74 7.14 20.67
CA THR A 370 -18.44 7.48 19.28
C THR A 370 -18.36 9.02 18.99
N LYS A 371 -19.45 9.74 19.25
CA LYS A 371 -19.54 11.12 18.87
C LYS A 371 -18.41 11.93 19.48
N GLU A 372 -18.18 11.70 20.77
CA GLU A 372 -17.22 12.48 21.52
C GLU A 372 -15.79 12.16 21.11
N PHE A 373 -15.54 10.85 20.91
CA PHE A 373 -14.21 10.52 20.38
C PHE A 373 -13.89 11.27 19.06
N PHE A 374 -14.74 11.18 18.06
CA PHE A 374 -14.41 11.73 16.75
C PHE A 374 -14.41 13.24 16.67
N GLU A 375 -15.31 13.89 17.42
CA GLU A 375 -15.50 15.31 17.39
C GLU A 375 -14.63 16.08 18.39
N ASN A 376 -14.62 15.68 19.66
CA ASN A 376 -13.80 16.46 20.62
C ASN A 376 -12.56 15.77 20.34
N LYS A 377 -11.40 16.32 20.22
CA LYS A 377 -10.58 15.02 19.75
C LYS A 377 -9.63 14.71 20.90
N SER A 378 -10.18 14.42 22.08
CA SER A 378 -9.31 14.40 23.17
C SER A 378 -9.14 13.03 23.77
N GLU A 379 -9.98 12.01 23.55
CA GLU A 379 -9.43 10.67 23.91
C GLU A 379 -8.29 10.31 22.95
N THR A 380 -7.15 9.77 23.43
CA THR A 380 -6.05 9.45 22.56
C THR A 380 -5.49 8.07 22.93
N TRP A 381 -4.61 7.61 22.07
CA TRP A 381 -4.10 6.22 22.02
C TRP A 381 -2.70 6.28 21.52
N PRO A 382 -1.82 5.55 22.17
CA PRO A 382 -0.42 5.47 21.74
C PRO A 382 -0.34 4.78 20.34
N ILE A 383 0.32 5.43 19.41
CA ILE A 383 0.34 4.94 18.09
C ILE A 383 1.54 5.30 17.21
N GLY A 384 2.62 5.72 17.83
CA GLY A 384 3.73 6.25 17.09
C GLY A 384 4.76 6.61 18.10
N GLU A 385 5.93 6.97 17.60
CA GLU A 385 7.07 7.31 18.42
C GLU A 385 7.89 8.37 17.74
N SER A 386 8.44 9.25 18.55
CA SER A 386 9.25 10.34 17.99
C SER A 386 10.43 10.44 18.88
N PRO A 387 11.38 11.37 18.56
CA PRO A 387 12.56 11.52 19.44
C PRO A 387 12.20 11.72 20.92
N LYS A 388 10.98 12.11 21.28
CA LYS A 388 10.66 12.27 22.72
C LYS A 388 10.07 11.02 23.40
N GLY A 389 9.90 9.92 22.68
CA GLY A 389 9.21 8.72 23.25
C GLY A 389 7.87 8.43 22.58
N VAL A 390 7.00 7.68 23.24
CA VAL A 390 5.72 7.39 22.62
C VAL A 390 4.67 8.48 22.60
N GLU A 391 4.07 8.64 21.41
CA GLU A 391 3.07 9.63 21.02
C GLU A 391 1.70 9.04 20.86
N GLU A 392 0.67 9.78 21.29
CA GLU A 392 -0.77 9.36 21.23
C GLU A 392 -1.48 10.20 20.26
N SER A 393 -2.47 9.65 19.58
CA SER A 393 -3.26 10.43 18.69
C SER A 393 -4.74 10.12 18.92
N SER A 394 -5.54 11.04 18.41
CA SER A 394 -6.98 11.05 18.29
C SER A 394 -7.51 9.85 17.45
N ILE A 395 -8.82 9.58 17.54
CA ILE A 395 -9.46 8.37 16.92
C ILE A 395 -9.35 8.47 15.36
N GLY A 396 -9.20 9.69 14.85
CA GLY A 396 -9.11 9.87 13.45
C GLY A 396 -7.76 9.44 12.94
N LYS A 397 -6.66 9.72 13.68
CA LYS A 397 -5.39 9.14 13.26
C LYS A 397 -5.42 7.63 13.41
N VAL A 398 -6.11 7.14 14.45
CA VAL A 398 -6.23 5.69 14.67
C VAL A 398 -6.91 4.96 13.50
N CYS A 399 -7.98 5.53 12.94
CA CYS A 399 -8.75 4.88 11.89
C CYS A 399 -7.88 4.77 10.68
N ARG A 400 -7.12 5.81 10.39
CA ARG A 400 -6.33 5.95 9.19
C ARG A 400 -5.12 5.06 9.26
N THR A 401 -4.56 5.00 10.44
CA THR A 401 -3.48 4.03 10.64
C THR A 401 -3.84 2.60 10.63
N LEU A 402 -4.89 2.23 11.32
CA LEU A 402 -5.43 0.84 11.24
C LEU A 402 -5.86 0.60 9.76
N LEU A 403 -6.31 1.61 9.02
CA LEU A 403 -6.63 1.40 7.56
C LEU A 403 -5.39 1.00 6.87
N ALA A 404 -4.35 1.85 7.00
CA ALA A 404 -3.09 1.67 6.31
C ALA A 404 -2.44 0.32 6.63
N LYS A 405 -2.59 -0.12 7.84
CA LYS A 405 -2.00 -1.42 8.20
C LYS A 405 -2.69 -2.60 7.35
N SER A 406 -4.00 -2.61 7.39
CA SER A 406 -4.77 -3.47 6.61
C SER A 406 -4.42 -3.33 5.11
N VAL A 407 -4.28 -2.11 4.56
CA VAL A 407 -3.95 -2.00 3.11
C VAL A 407 -2.60 -2.56 2.89
N PHE A 408 -1.64 -2.31 3.79
CA PHE A 408 -0.29 -2.77 3.50
C PHE A 408 -0.25 -4.25 3.65
N ASN A 409 -1.07 -4.77 4.50
CA ASN A 409 -0.72 -6.06 4.59
C ASN A 409 -1.49 -6.83 3.40
N SER A 410 -2.45 -6.17 2.77
CA SER A 410 -2.90 -6.56 1.49
C SER A 410 -1.84 -6.32 0.40
N LEU A 411 -1.24 -5.14 0.30
CA LEU A 411 -0.19 -4.97 -0.74
C LEU A 411 1.01 -5.88 -0.57
N TYR A 412 1.28 -6.34 0.64
CA TYR A 412 2.39 -7.16 0.84
C TYR A 412 2.03 -8.50 1.40
N ALA A 413 0.90 -9.04 0.99
CA ALA A 413 0.48 -10.35 1.45
C ALA A 413 1.63 -11.30 1.15
N SER A 414 1.90 -12.18 2.12
CA SER A 414 2.96 -13.19 2.06
C SER A 414 2.79 -14.20 3.16
N PRO A 415 3.30 -15.42 2.92
CA PRO A 415 3.30 -16.45 4.03
C PRO A 415 4.13 -16.03 5.25
N GLN A 416 5.25 -15.36 5.05
CA GLN A 416 6.07 -14.80 6.18
C GLN A 416 5.19 -13.90 7.13
N LEU A 417 4.46 -12.92 6.56
CA LEU A 417 3.34 -12.20 7.25
C LEU A 417 2.29 -13.08 7.94
N GLU A 418 1.82 -14.13 7.27
CA GLU A 418 0.82 -14.94 7.87
C GLU A 418 1.41 -15.68 9.03
N GLY A 419 2.65 -16.12 8.96
CA GLY A 419 3.27 -16.72 10.13
C GLY A 419 3.55 -15.78 11.30
N PHE A 420 4.14 -14.64 10.95
CA PHE A 420 4.57 -13.66 11.94
C PHE A 420 3.38 -13.13 12.65
N SER A 421 2.39 -12.87 11.87
CA SER A 421 1.32 -12.31 12.60
C SER A 421 0.52 -13.32 13.50
N ALA A 422 0.43 -14.59 13.18
CA ALA A 422 -0.19 -15.53 14.17
C ALA A 422 0.71 -15.84 15.42
N GLU A 423 2.01 -15.99 15.22
CA GLU A 423 2.89 -16.30 16.34
C GLU A 423 3.10 -15.11 17.22
N SER A 424 3.22 -13.93 16.63
CA SER A 424 3.61 -12.81 17.47
C SER A 424 2.42 -12.47 18.31
N ARG A 425 1.23 -12.89 17.89
CA ARG A 425 0.08 -12.54 18.71
C ARG A 425 0.10 -13.30 20.05
N LYS A 426 0.45 -14.57 19.97
CA LYS A 426 0.70 -15.28 21.21
C LYS A 426 1.68 -14.53 22.13
N LEU A 427 2.80 -14.04 21.65
CA LEU A 427 3.72 -13.36 22.60
C LEU A 427 3.09 -12.09 23.12
N LEU A 428 2.36 -11.43 22.24
CA LEU A 428 1.70 -10.20 22.58
C LEU A 428 0.90 -10.38 23.82
N LEU A 429 0.00 -11.36 23.81
CA LEU A 429 -0.91 -11.59 24.92
C LEU A 429 -0.18 -11.96 26.17
N ILE A 430 0.89 -12.75 25.98
CA ILE A 430 1.74 -13.04 27.11
C ILE A 430 2.48 -11.78 27.73
N VAL A 431 3.06 -10.93 26.91
CA VAL A 431 3.58 -9.66 27.40
C VAL A 431 2.46 -8.73 27.97
N GLN A 432 1.26 -8.68 27.38
CA GLN A 432 0.25 -7.86 28.10
C GLN A 432 -0.18 -8.48 29.44
N ALA A 433 -0.23 -9.79 29.55
CA ALA A 433 -0.47 -10.36 30.85
C ALA A 433 0.66 -10.04 31.86
N LEU A 434 1.93 -10.09 31.45
CA LEU A 434 2.96 -9.75 32.42
C LEU A 434 2.68 -8.34 32.93
N ARG A 435 2.15 -7.47 32.07
CA ARG A 435 2.17 -6.03 32.24
C ARG A 435 0.99 -5.60 33.12
N ASP A 436 -0.11 -6.28 32.97
CA ASP A 436 -1.35 -5.80 33.50
C ASP A 436 -1.63 -6.38 34.87
N ASN A 437 -0.77 -7.27 35.37
CA ASN A 437 -1.03 -8.09 36.57
C ASN A 437 0.16 -7.94 37.50
N LEU A 438 -0.07 -7.45 38.73
CA LEU A 438 1.10 -7.14 39.57
C LEU A 438 1.73 -8.45 40.12
N GLU A 439 0.92 -9.51 40.31
CA GLU A 439 1.54 -10.87 40.43
C GLU A 439 1.25 -11.78 39.19
N PRO A 440 1.90 -11.46 38.03
CA PRO A 440 1.51 -12.11 36.73
C PRO A 440 1.78 -13.61 36.59
N GLY A 441 2.74 -14.13 37.38
CA GLY A 441 3.19 -15.52 37.26
C GLY A 441 4.19 -15.69 36.13
N THR A 442 4.42 -16.94 35.71
CA THR A 442 5.29 -17.20 34.60
C THR A 442 4.57 -17.98 33.52
N PHE A 443 5.16 -17.95 32.31
CA PHE A 443 4.51 -18.52 31.13
C PHE A 443 5.45 -19.34 30.30
N ASP A 444 4.92 -20.45 29.83
CA ASP A 444 5.62 -21.27 28.90
C ASP A 444 5.61 -20.63 27.50
N LEU A 445 6.81 -20.32 26.99
CA LEU A 445 6.89 -20.05 25.55
C LEU A 445 6.90 -21.41 24.84
N GLY A 446 6.27 -21.54 23.67
CA GLY A 446 6.67 -22.71 22.86
C GLY A 446 8.18 -22.61 22.50
N GLY A 447 8.35 -22.59 21.19
CA GLY A 447 9.52 -22.04 20.65
C GLY A 447 8.85 -20.88 20.01
N LEU A 448 8.06 -20.17 20.79
CA LEU A 448 7.40 -18.97 20.33
C LEU A 448 8.42 -18.07 19.60
N TYR A 449 9.50 -17.66 20.30
CA TYR A 449 10.55 -16.87 19.64
C TYR A 449 11.03 -17.54 18.37
N GLU A 450 11.07 -18.87 18.35
CA GLU A 450 11.73 -19.55 17.26
C GLU A 450 10.76 -19.57 16.10
N ALA A 451 9.50 -19.78 16.39
CA ALA A 451 8.40 -19.72 15.37
C ALA A 451 8.24 -18.30 14.75
N ILE A 452 8.36 -17.29 15.59
CA ILE A 452 8.25 -15.95 15.10
C ILE A 452 9.49 -15.70 14.29
N GLU A 453 10.66 -15.69 14.94
CA GLU A 453 11.89 -15.26 14.27
C GLU A 453 12.09 -16.00 12.97
N GLU A 454 11.43 -17.10 12.77
CA GLU A 454 11.73 -17.85 11.57
C GLU A 454 11.04 -17.29 10.36
N CYS A 455 10.05 -16.42 10.59
CA CYS A 455 9.31 -15.73 9.54
C CYS A 455 10.06 -14.54 9.05
N LEU A 456 11.14 -14.13 9.70
CA LEU A 456 11.86 -12.93 9.37
C LEU A 456 13.04 -13.21 8.41
N ILE A 457 12.79 -13.38 7.12
CA ILE A 457 13.79 -13.75 6.13
C ILE A 457 14.16 -12.50 5.25
N ASN A 458 13.12 -11.82 4.75
CA ASN A 458 13.17 -11.13 3.47
C ASN A 458 12.37 -9.87 3.37
N ASP A 459 11.17 -10.00 3.94
CA ASP A 459 10.07 -9.18 3.54
C ASP A 459 10.09 -7.82 4.26
N PRO A 460 10.12 -6.70 3.50
CA PRO A 460 10.22 -5.32 4.11
C PRO A 460 9.07 -5.12 5.09
N TRP A 461 7.86 -5.59 4.75
CA TRP A 461 6.71 -5.32 5.53
C TRP A 461 6.77 -6.12 6.78
N VAL A 462 7.09 -7.40 6.60
CA VAL A 462 7.20 -8.31 7.72
C VAL A 462 8.31 -7.87 8.67
N LEU A 463 9.41 -7.41 8.11
CA LEU A 463 10.48 -7.03 8.96
C LEU A 463 10.11 -5.73 9.77
N LEU A 464 9.35 -4.75 9.22
CA LEU A 464 8.90 -3.55 10.05
C LEU A 464 7.99 -3.93 11.17
N ASN A 465 7.07 -4.84 10.87
CA ASN A 465 6.18 -5.35 11.85
C ASN A 465 6.94 -5.94 13.05
N ALA A 466 8.08 -6.60 12.76
CA ALA A 466 8.93 -7.13 13.84
C ALA A 466 9.53 -5.97 14.59
N SER A 467 9.99 -4.99 13.84
CA SER A 467 10.65 -3.84 14.47
C SER A 467 9.61 -3.17 15.34
N TRP A 468 8.41 -3.00 14.76
CA TRP A 468 7.32 -2.38 15.53
C TRP A 468 7.00 -3.21 16.81
N PHE A 469 7.01 -4.56 16.70
CA PHE A 469 6.80 -5.35 17.86
C PHE A 469 7.94 -5.20 18.88
N ASN A 470 9.20 -5.13 18.42
CA ASN A 470 10.24 -4.82 19.36
C ASN A 470 10.03 -3.57 20.16
N SER A 471 9.61 -2.48 19.49
CA SER A 471 9.22 -1.21 20.16
C SER A 471 8.23 -1.32 21.25
N PHE A 472 7.23 -2.09 20.94
CA PHE A 472 6.23 -2.39 21.91
C PHE A 472 6.82 -3.04 23.15
N LEU A 473 7.70 -4.05 22.97
CA LEU A 473 8.22 -4.85 24.13
C LEU A 473 9.03 -3.92 24.93
N THR A 474 9.78 -3.08 24.23
CA THR A 474 10.52 -2.08 24.92
C THR A 474 9.69 -1.24 25.87
N HIS A 475 8.41 -0.97 25.56
CA HIS A 475 7.69 0.04 26.32
C HIS A 475 6.72 -0.63 27.20
N ALA A 476 6.31 -1.82 26.79
CA ALA A 476 5.28 -2.53 27.46
C ALA A 476 5.77 -2.81 28.87
N LEU A 477 7.08 -2.93 29.02
CA LEU A 477 7.69 -3.37 30.27
C LEU A 477 8.69 -2.32 30.81
N SER A 478 9.10 -1.33 29.99
CA SER A 478 9.63 -0.11 30.64
C SER A 478 8.42 0.57 31.34
N MET B 1 6.66 12.12 13.98
CA MET B 1 6.34 10.75 14.45
C MET B 1 6.58 9.63 13.49
N ASP B 2 7.13 8.50 13.96
CA ASP B 2 7.07 7.25 13.14
C ASP B 2 5.83 6.52 13.62
N VAL B 3 4.90 6.18 12.69
CA VAL B 3 3.70 5.56 13.12
C VAL B 3 3.90 4.00 13.40
N ASN B 4 3.38 3.49 14.49
CA ASN B 4 3.62 2.09 14.88
C ASN B 4 2.36 1.57 15.46
N PRO B 5 1.51 0.95 14.69
CA PRO B 5 0.25 0.64 15.28
C PRO B 5 0.29 -0.50 16.27
N THR B 6 1.32 -1.28 16.38
CA THR B 6 1.30 -2.18 17.53
C THR B 6 1.51 -1.51 18.86
N LEU B 7 1.74 -0.21 18.85
CA LEU B 7 1.83 0.48 20.17
C LEU B 7 0.41 0.73 20.78
N LEU B 8 -0.64 0.66 19.96
CA LEU B 8 -2.00 0.57 20.51
C LEU B 8 -2.08 -0.36 21.69
N PHE B 9 -1.33 -1.44 21.68
CA PHE B 9 -1.54 -2.52 22.65
C PHE B 9 -0.96 -2.25 23.99
N LEU B 10 -0.38 -1.05 24.10
CA LEU B 10 0.02 -0.44 25.39
C LEU B 10 -1.24 -0.02 26.05
N LYS B 11 -2.30 0.21 25.25
CA LYS B 11 -3.61 0.66 25.82
C LYS B 11 -4.76 -0.32 25.59
N VAL B 12 -4.86 -0.95 24.46
CA VAL B 12 -6.00 -1.70 24.08
C VAL B 12 -5.63 -3.13 24.41
N PRO B 13 -6.40 -3.79 25.30
CA PRO B 13 -6.12 -5.21 25.57
C PRO B 13 -6.36 -5.88 24.28
N ALA B 14 -5.42 -6.66 23.77
CA ALA B 14 -5.60 -7.30 22.47
C ALA B 14 -6.98 -8.00 22.40
N GLN B 15 -7.86 -7.41 21.56
CA GLN B 15 -9.35 -7.33 21.86
C GLN B 15 -9.93 -8.37 22.83
#